data_2J2Z
#
_entry.id   2J2Z
#
_cell.length_a   103.460
_cell.length_b   149.300
_cell.length_c   82.840
_cell.angle_alpha   90.00
_cell.angle_beta   90.00
_cell.angle_gamma   90.00
#
_symmetry.space_group_name_H-M   'C 2 2 21'
#
loop_
_entity.id
_entity.type
_entity.pdbx_description
1 polymer 'CHAPERONE PROTEIN PAPD'
2 polymer 'PAP FIMBRIAL MINOR PILIN PROTEIN'
3 non-polymer 'SULFATE ION'
4 non-polymer 'COBALT (II) ION'
5 water water
#
loop_
_entity_poly.entity_id
_entity_poly.type
_entity_poly.pdbx_seq_one_letter_code
_entity_poly.pdbx_strand_id
1 'polypeptide(L)'
;AVSLDRTRAVFDGSEKSMTLDISNDNKQLPYLAQAWIENENQEKIITGPVIATPPVQRLEPGAKSMVRLSTTPDISKLPQ
DRESLFYFNLREIPPRSEKANVLQIALQTKIKLFYRPAAIKTRPNEVWQDQLILNKVSGGYRIENPTPYYVTVIGLGGSE
KQAEEGEFETVMLSPRSEQTVKSANYNTPYLSYINDYGGRPVLSFICNGSRCSVKKEK
;
A
2 'polypeptide(L)'
;GPFPPPGMSLPEYWGEEHVWWDGRAAFHGEVVRPACTLAMEDAWQIIDMGETPVRDLQNGFSGPERKFSLRLRNCEFNSQ
GGNLFSDSRIRVTFDGVRGETPDKFNLSGQAKGINLQIADVRGNIARAGKVMPAIPLTGNEEALDYTLRIVRNGKKLEAG
NYFAVLGFRVDYE
;
B
#
loop_
_chem_comp.id
_chem_comp.type
_chem_comp.name
_chem_comp.formula
CO non-polymer 'COBALT (II) ION' 'Co 2'
SO4 non-polymer 'SULFATE ION' 'O4 S -2'
#
# COMPACT_ATOMS: atom_id res chain seq x y z
N ALA A 1 11.39 8.08 3.01
CA ALA A 1 12.83 7.79 3.34
C ALA A 1 13.01 6.39 3.95
N VAL A 2 12.17 6.05 4.92
CA VAL A 2 12.25 4.74 5.57
C VAL A 2 11.51 3.69 4.74
N SER A 3 12.18 2.58 4.43
CA SER A 3 11.55 1.52 3.64
C SER A 3 11.64 0.15 4.31
N LEU A 4 10.74 -0.75 3.88
CA LEU A 4 10.63 -2.10 4.40
C LEU A 4 11.14 -3.09 3.35
N ASP A 5 11.68 -4.22 3.80
CA ASP A 5 12.25 -5.23 2.91
C ASP A 5 11.30 -6.16 2.18
N ARG A 6 10.00 -6.03 2.38
CA ARG A 6 9.08 -6.93 1.69
C ARG A 6 7.68 -6.33 1.56
N THR A 7 6.87 -6.91 0.69
CA THR A 7 5.50 -6.41 0.46
C THR A 7 4.46 -7.24 1.21
N ARG A 8 4.91 -8.29 1.88
CA ARG A 8 4.03 -9.13 2.68
C ARG A 8 4.90 -9.96 3.62
N ALA A 9 4.34 -10.36 4.75
CA ALA A 9 5.11 -11.15 5.68
C ALA A 9 4.34 -12.38 6.10
N VAL A 10 5.03 -13.51 6.17
CA VAL A 10 4.44 -14.76 6.60
C VAL A 10 5.12 -15.12 7.92
N PHE A 11 4.34 -15.17 9.00
CA PHE A 11 4.89 -15.52 10.30
C PHE A 11 4.74 -17.02 10.51
N ASP A 12 5.87 -17.74 10.51
CA ASP A 12 5.85 -19.18 10.71
C ASP A 12 5.46 -19.48 12.15
N GLY A 13 4.26 -19.99 12.34
CA GLY A 13 3.79 -20.29 13.69
C GLY A 13 4.61 -21.31 14.48
N SER A 14 5.57 -21.95 13.84
CA SER A 14 6.40 -22.93 14.53
C SER A 14 7.60 -22.25 15.20
N GLU A 15 7.72 -20.94 15.04
CA GLU A 15 8.82 -20.18 15.65
C GLU A 15 8.21 -19.11 16.55
N LYS A 16 8.99 -18.59 17.49
CA LYS A 16 8.47 -17.58 18.42
C LYS A 16 8.48 -16.15 17.88
N SER A 17 9.38 -15.85 16.96
CA SER A 17 9.46 -14.49 16.42
C SER A 17 10.22 -14.45 15.11
N MET A 18 10.21 -13.28 14.46
CA MET A 18 10.91 -13.09 13.21
C MET A 18 11.29 -11.62 13.11
N THR A 19 12.19 -11.29 12.20
CA THR A 19 12.61 -9.91 12.06
C THR A 19 12.36 -9.38 10.65
N LEU A 20 12.13 -8.07 10.54
CA LEU A 20 11.92 -7.43 9.25
C LEU A 20 12.95 -6.33 9.12
N ASP A 21 13.71 -6.34 8.03
CA ASP A 21 14.73 -5.31 7.85
C ASP A 21 14.12 -4.02 7.32
N ILE A 22 14.53 -2.90 7.90
CA ILE A 22 14.06 -1.61 7.47
C ILE A 22 15.30 -0.79 7.18
N SER A 23 15.12 0.35 6.52
CA SER A 23 16.26 1.16 6.14
C SER A 23 15.92 2.62 5.88
N ASN A 24 16.77 3.52 6.35
CA ASN A 24 16.57 4.94 6.07
C ASN A 24 17.38 5.17 4.81
N ASP A 25 16.70 5.23 3.67
CA ASP A 25 17.36 5.41 2.40
C ASP A 25 17.76 6.85 2.12
N ASN A 26 17.39 7.76 3.02
CA ASN A 26 17.75 9.17 2.88
C ASN A 26 19.15 9.24 3.49
N LYS A 27 20.14 9.64 2.69
CA LYS A 27 21.51 9.70 3.18
C LYS A 27 21.96 11.06 3.74
N GLN A 28 21.03 11.97 3.93
CA GLN A 28 21.35 13.30 4.45
C GLN A 28 20.74 13.59 5.82
N LEU A 29 19.49 13.18 6.01
CA LEU A 29 18.79 13.45 7.26
C LEU A 29 18.35 12.21 8.04
N PRO A 30 18.14 12.38 9.36
CA PRO A 30 17.70 11.28 10.21
C PRO A 30 16.17 11.23 10.24
N TYR A 31 15.62 10.02 10.15
CA TYR A 31 14.18 9.83 10.17
C TYR A 31 13.81 8.84 11.26
N LEU A 32 12.64 9.03 11.87
CA LEU A 32 12.17 8.11 12.90
C LEU A 32 11.25 7.09 12.23
N ALA A 33 11.17 5.90 12.79
CA ALA A 33 10.31 4.87 12.23
C ALA A 33 9.42 4.21 13.27
N GLN A 34 8.10 4.39 13.15
CA GLN A 34 7.21 3.73 14.07
C GLN A 34 6.59 2.52 13.40
N ALA A 35 6.38 1.48 14.19
CA ALA A 35 5.82 0.24 13.69
C ALA A 35 4.72 -0.22 14.63
N TRP A 36 3.69 -0.85 14.07
CA TRP A 36 2.59 -1.37 14.86
C TRP A 36 1.85 -2.40 14.05
N ILE A 37 1.01 -3.16 14.72
CA ILE A 37 0.25 -4.21 14.07
C ILE A 37 -1.24 -3.87 14.13
N GLU A 38 -1.98 -4.42 13.17
CA GLU A 38 -3.43 -4.23 13.09
C GLU A 38 -4.04 -5.61 12.84
N ASN A 39 -5.27 -5.81 13.29
CA ASN A 39 -5.92 -7.11 13.08
C ASN A 39 -6.48 -7.20 11.66
N GLU A 40 -7.28 -8.23 11.42
CA GLU A 40 -7.87 -8.47 10.11
C GLU A 40 -8.78 -7.34 9.63
N ASN A 41 -9.30 -6.54 10.56
CA ASN A 41 -10.17 -5.42 10.19
C ASN A 41 -9.41 -4.09 10.17
N GLN A 42 -8.09 -4.19 10.15
CA GLN A 42 -7.21 -3.02 10.14
C GLN A 42 -7.37 -2.11 11.36
N GLU A 43 -7.70 -2.72 12.49
CA GLU A 43 -7.83 -1.99 13.75
C GLU A 43 -6.53 -2.25 14.50
N LYS A 44 -5.96 -1.21 15.08
CA LYS A 44 -4.71 -1.35 15.81
C LYS A 44 -4.82 -2.23 17.06
N ILE A 45 -3.76 -3.00 17.32
CA ILE A 45 -3.69 -3.84 18.51
C ILE A 45 -2.34 -3.52 19.14
N ILE A 46 -2.24 -3.60 20.46
CA ILE A 46 -0.98 -3.27 21.11
C ILE A 46 -0.50 -4.32 22.09
N THR A 47 -1.43 -5.07 22.68
CA THR A 47 -1.06 -6.09 23.66
C THR A 47 -0.94 -7.51 23.15
N GLY A 48 -1.19 -7.73 21.87
CA GLY A 48 -1.08 -9.08 21.33
C GLY A 48 -2.20 -9.43 20.36
N PRO A 49 -2.22 -10.66 19.84
CA PRO A 49 -1.26 -11.74 20.10
C PRO A 49 0.06 -11.64 19.33
N VAL A 50 0.21 -10.55 18.58
CA VAL A 50 1.44 -10.31 17.82
C VAL A 50 1.92 -8.91 18.16
N ILE A 51 3.19 -8.78 18.50
CA ILE A 51 3.72 -7.47 18.86
C ILE A 51 4.92 -7.09 17.99
N ALA A 52 5.13 -5.80 17.81
CA ALA A 52 6.24 -5.31 17.01
C ALA A 52 7.16 -4.46 17.87
N THR A 53 8.45 -4.78 17.84
CA THR A 53 9.41 -4.02 18.63
C THR A 53 10.61 -3.64 17.78
N PRO A 54 11.07 -2.38 17.92
CA PRO A 54 10.51 -1.37 18.81
C PRO A 54 9.37 -0.61 18.11
N PRO A 55 8.45 0.01 18.88
CA PRO A 55 7.31 0.77 18.36
C PRO A 55 7.79 2.01 17.62
N VAL A 56 8.92 2.55 18.07
CA VAL A 56 9.53 3.74 17.47
C VAL A 56 11.04 3.64 17.61
N GLN A 57 11.76 4.09 16.60
CA GLN A 57 13.21 4.07 16.67
C GLN A 57 13.77 5.12 15.74
N ARG A 58 14.91 5.69 16.13
CA ARG A 58 15.56 6.72 15.35
C ARG A 58 16.54 6.09 14.36
N LEU A 59 16.49 6.55 13.12
CA LEU A 59 17.41 6.04 12.10
C LEU A 59 18.29 7.16 11.55
N GLU A 60 19.59 7.03 11.75
CA GLU A 60 20.53 8.02 11.24
C GLU A 60 20.52 7.93 9.72
N PRO A 61 21.00 8.97 9.03
CA PRO A 61 21.00 8.89 7.56
C PRO A 61 21.71 7.65 7.03
N GLY A 62 21.08 6.97 6.09
CA GLY A 62 21.65 5.76 5.51
C GLY A 62 21.67 4.58 6.46
N ALA A 63 21.14 4.76 7.66
CA ALA A 63 21.14 3.69 8.66
C ALA A 63 20.22 2.53 8.31
N LYS A 64 20.63 1.34 8.75
CA LYS A 64 19.86 0.14 8.53
C LYS A 64 19.52 -0.42 9.91
N SER A 65 18.33 -0.98 10.03
CA SER A 65 17.91 -1.53 11.31
C SER A 65 16.86 -2.61 11.04
N MET A 66 16.03 -2.88 12.03
CA MET A 66 15.00 -3.89 11.82
C MET A 66 13.93 -3.81 12.89
N VAL A 67 12.82 -4.48 12.63
CA VAL A 67 11.72 -4.52 13.58
C VAL A 67 11.47 -5.99 13.83
N ARG A 68 11.28 -6.36 15.09
CA ARG A 68 11.06 -7.75 15.42
C ARG A 68 9.59 -8.03 15.73
N LEU A 69 9.07 -9.12 15.17
CA LEU A 69 7.69 -9.51 15.42
C LEU A 69 7.72 -10.72 16.34
N SER A 70 6.95 -10.65 17.42
CA SER A 70 6.89 -11.75 18.37
C SER A 70 5.44 -11.96 18.82
N THR A 71 5.14 -13.16 19.27
CA THR A 71 3.81 -13.53 19.72
C THR A 71 3.70 -13.66 21.22
N THR A 72 2.49 -13.46 21.73
CA THR A 72 2.22 -13.59 23.16
C THR A 72 1.59 -14.96 23.35
N PRO A 73 1.28 -15.36 24.59
CA PRO A 73 0.67 -16.68 24.80
C PRO A 73 -0.68 -16.84 24.10
N ASP A 74 -1.43 -15.74 24.02
CA ASP A 74 -2.75 -15.74 23.39
C ASP A 74 -2.73 -16.15 21.91
N ILE A 75 -1.54 -16.23 21.33
CA ILE A 75 -1.43 -16.61 19.93
C ILE A 75 -2.07 -17.98 19.71
N SER A 76 -1.97 -18.85 20.72
CA SER A 76 -2.52 -20.20 20.65
C SER A 76 -4.04 -20.22 20.43
N LYS A 77 -4.72 -19.13 20.73
CA LYS A 77 -6.17 -19.05 20.57
C LYS A 77 -6.60 -18.95 19.09
N LEU A 78 -5.67 -18.59 18.21
CA LEU A 78 -6.02 -18.48 16.80
C LEU A 78 -6.18 -19.88 16.21
N PRO A 79 -6.94 -20.01 15.11
CA PRO A 79 -7.15 -21.30 14.46
C PRO A 79 -5.80 -21.88 14.05
N GLN A 80 -5.66 -23.21 14.14
CA GLN A 80 -4.42 -23.85 13.76
C GLN A 80 -4.52 -24.60 12.44
N ASP A 81 -5.66 -24.51 11.77
CA ASP A 81 -5.85 -25.19 10.49
C ASP A 81 -6.09 -24.23 9.33
N ARG A 82 -5.79 -22.96 9.55
CA ARG A 82 -5.95 -21.94 8.52
C ARG A 82 -5.15 -20.71 8.95
N GLU A 83 -4.87 -19.83 8.00
CA GLU A 83 -4.12 -18.63 8.31
C GLU A 83 -5.02 -17.58 8.99
N SER A 84 -4.39 -16.65 9.70
CA SER A 84 -5.10 -15.55 10.34
C SER A 84 -4.43 -14.31 9.76
N LEU A 85 -5.22 -13.28 9.48
CA LEU A 85 -4.68 -12.08 8.87
C LEU A 85 -4.40 -10.91 9.81
N PHE A 86 -3.23 -10.31 9.64
CA PHE A 86 -2.87 -9.12 10.42
C PHE A 86 -2.26 -8.17 9.40
N TYR A 87 -1.93 -6.96 9.83
CA TYR A 87 -1.28 -6.01 8.95
C TYR A 87 -0.09 -5.43 9.69
N PHE A 88 1.04 -5.29 8.99
CA PHE A 88 2.22 -4.70 9.60
C PHE A 88 2.31 -3.27 9.05
N ASN A 89 2.61 -2.32 9.94
CA ASN A 89 2.70 -0.91 9.57
C ASN A 89 4.04 -0.30 9.95
N LEU A 90 4.59 0.47 9.00
CA LEU A 90 5.86 1.14 9.19
C LEU A 90 5.62 2.56 8.70
N ARG A 91 5.53 3.50 9.63
CA ARG A 91 5.31 4.89 9.29
C ARG A 91 6.48 5.73 9.77
N GLU A 92 7.01 6.56 8.89
CA GLU A 92 8.15 7.39 9.23
C GLU A 92 7.70 8.72 9.80
N ILE A 93 8.61 9.34 10.55
CA ILE A 93 8.35 10.67 11.09
C ILE A 93 9.54 11.46 10.59
N PRO A 94 9.33 12.25 9.54
CA PRO A 94 10.42 13.06 8.97
C PRO A 94 10.94 14.10 9.94
N PRO A 95 12.22 14.48 9.79
CA PRO A 95 12.80 15.49 10.67
C PRO A 95 11.99 16.76 10.53
N ARG A 96 11.70 17.40 11.65
CA ARG A 96 10.91 18.61 11.65
C ARG A 96 11.68 19.79 11.06
N SER A 97 11.19 20.33 9.95
CA SER A 97 11.84 21.49 9.36
C SER A 97 10.98 22.62 9.90
N GLU A 98 11.58 23.78 10.12
CA GLU A 98 10.81 24.88 10.65
C GLU A 98 10.53 25.91 9.56
N LYS A 99 10.51 25.43 8.32
CA LYS A 99 10.25 26.31 7.18
C LYS A 99 8.80 26.80 7.17
N ALA A 100 8.61 28.01 6.71
CA ALA A 100 7.29 28.63 6.65
C ALA A 100 6.48 28.15 5.44
N ASN A 101 5.18 28.07 5.62
CA ASN A 101 4.26 27.66 4.57
C ASN A 101 4.73 26.45 3.77
N VAL A 102 4.91 25.32 4.45
CA VAL A 102 5.33 24.12 3.74
C VAL A 102 4.41 22.95 4.03
N LEU A 103 4.53 21.94 3.20
CA LEU A 103 3.76 20.72 3.33
C LEU A 103 4.83 19.64 3.44
N GLN A 104 4.69 18.74 4.40
CA GLN A 104 5.67 17.68 4.56
C GLN A 104 4.99 16.33 4.38
N ILE A 105 5.63 15.45 3.62
CA ILE A 105 5.10 14.12 3.35
C ILE A 105 5.75 13.04 4.20
N ALA A 106 4.92 12.21 4.83
CA ALA A 106 5.42 11.12 5.66
C ALA A 106 4.87 9.80 5.10
N LEU A 107 5.74 8.96 4.57
CA LEU A 107 5.32 7.68 4.02
C LEU A 107 4.88 6.69 5.08
N GLN A 108 3.82 5.94 4.77
CA GLN A 108 3.37 4.87 5.66
C GLN A 108 3.24 3.64 4.76
N THR A 109 3.90 2.57 5.17
CA THR A 109 3.87 1.31 4.45
C THR A 109 3.00 0.33 5.24
N LYS A 110 2.00 -0.23 4.58
CA LYS A 110 1.12 -1.22 5.22
C LYS A 110 1.10 -2.49 4.37
N ILE A 111 1.55 -3.59 4.95
CA ILE A 111 1.58 -4.87 4.23
C ILE A 111 0.78 -5.92 5.00
N LYS A 112 0.36 -6.97 4.30
CA LYS A 112 -0.37 -8.05 4.93
C LYS A 112 0.59 -8.91 5.74
N LEU A 113 0.14 -9.35 6.90
CA LEU A 113 0.96 -10.20 7.78
C LEU A 113 0.16 -11.46 8.03
N PHE A 114 0.55 -12.53 7.33
CA PHE A 114 -0.14 -13.79 7.46
C PHE A 114 0.43 -14.67 8.58
N TYR A 115 -0.39 -14.96 9.59
CA TYR A 115 0.05 -15.86 10.64
C TYR A 115 -0.24 -17.24 10.09
N ARG A 116 0.79 -18.05 9.92
CA ARG A 116 0.63 -19.39 9.36
C ARG A 116 1.00 -20.44 10.41
N PRO A 117 -0.01 -21.03 11.06
CA PRO A 117 0.26 -22.05 12.08
C PRO A 117 1.10 -23.21 11.59
N ALA A 118 1.79 -23.87 12.51
CA ALA A 118 2.67 -25.00 12.19
C ALA A 118 2.00 -26.12 11.39
N ALA A 119 0.76 -26.46 11.74
CA ALA A 119 0.05 -27.54 11.07
C ALA A 119 -0.08 -27.36 9.55
N ILE A 120 -0.01 -26.12 9.08
CA ILE A 120 -0.12 -25.88 7.65
C ILE A 120 1.13 -25.23 7.10
N LYS A 121 2.24 -25.44 7.79
CA LYS A 121 3.52 -24.87 7.35
C LYS A 121 3.77 -25.37 5.93
N THR A 122 4.40 -24.53 5.11
CA THR A 122 4.67 -24.89 3.73
C THR A 122 6.15 -24.96 3.39
N ARG A 123 6.47 -25.67 2.32
CA ARG A 123 7.84 -25.78 1.85
C ARG A 123 8.05 -24.62 0.88
N PRO A 124 9.31 -24.22 0.67
CA PRO A 124 9.61 -23.12 -0.24
C PRO A 124 9.07 -23.36 -1.64
N ASN A 125 8.30 -22.41 -2.15
CA ASN A 125 7.70 -22.47 -3.48
C ASN A 125 6.49 -23.39 -3.61
N GLU A 126 5.98 -23.88 -2.49
CA GLU A 126 4.80 -24.74 -2.54
C GLU A 126 3.66 -23.94 -3.19
N VAL A 127 2.84 -24.60 -3.99
CA VAL A 127 1.74 -23.94 -4.67
C VAL A 127 0.39 -24.55 -4.32
N TRP A 128 -0.44 -23.78 -3.64
CA TRP A 128 -1.77 -24.22 -3.26
C TRP A 128 -2.84 -23.44 -4.03
N GLN A 129 -2.43 -22.33 -4.64
CA GLN A 129 -3.35 -21.47 -5.39
C GLN A 129 -3.99 -22.16 -6.58
N ASP A 130 -3.38 -23.24 -7.04
CA ASP A 130 -3.90 -23.99 -8.17
C ASP A 130 -5.10 -24.84 -7.78
N GLN A 131 -5.60 -24.66 -6.55
CA GLN A 131 -6.76 -25.40 -6.10
C GLN A 131 -8.03 -24.54 -6.22
N LEU A 132 -7.87 -23.31 -6.68
CA LEU A 132 -9.02 -22.41 -6.85
C LEU A 132 -9.95 -22.98 -7.91
N ILE A 133 -11.24 -22.66 -7.80
CA ILE A 133 -12.24 -23.10 -8.77
C ILE A 133 -13.08 -21.90 -9.19
N LEU A 134 -13.27 -21.75 -10.49
CA LEU A 134 -14.06 -20.65 -11.02
C LEU A 134 -15.43 -21.16 -11.46
N ASN A 135 -16.49 -20.50 -11.02
CA ASN A 135 -17.85 -20.89 -11.39
C ASN A 135 -18.51 -19.75 -12.13
N LYS A 136 -18.79 -19.94 -13.41
CA LYS A 136 -19.44 -18.90 -14.20
C LYS A 136 -20.82 -18.56 -13.66
N VAL A 137 -21.13 -17.27 -13.60
CA VAL A 137 -22.42 -16.77 -13.13
C VAL A 137 -22.68 -15.41 -13.78
N SER A 138 -23.87 -14.86 -13.52
CA SER A 138 -24.23 -13.56 -14.08
C SER A 138 -23.22 -12.50 -13.71
N GLY A 139 -22.66 -11.85 -14.73
CA GLY A 139 -21.68 -10.80 -14.48
C GLY A 139 -20.23 -11.22 -14.44
N GLY A 140 -19.94 -12.44 -14.00
CA GLY A 140 -18.56 -12.89 -13.94
C GLY A 140 -18.37 -14.28 -13.36
N TYR A 141 -17.47 -14.40 -12.39
CA TYR A 141 -17.20 -15.69 -11.75
C TYR A 141 -17.30 -15.69 -10.23
N ARG A 142 -17.58 -16.86 -9.68
CA ARG A 142 -17.65 -17.04 -8.24
C ARG A 142 -16.42 -17.88 -8.00
N ILE A 143 -15.39 -17.27 -7.43
CA ILE A 143 -14.14 -17.96 -7.15
C ILE A 143 -14.15 -18.64 -5.80
N GLU A 144 -13.78 -19.91 -5.79
CA GLU A 144 -13.75 -20.70 -4.58
C GLU A 144 -12.33 -20.97 -4.09
N ASN A 145 -12.07 -20.68 -2.82
CA ASN A 145 -10.78 -20.93 -2.24
C ASN A 145 -10.96 -21.96 -1.11
N PRO A 146 -10.75 -23.25 -1.43
CA PRO A 146 -10.88 -24.32 -0.43
C PRO A 146 -9.64 -24.54 0.42
N THR A 147 -8.56 -23.82 0.11
CA THR A 147 -7.32 -23.97 0.86
C THR A 147 -7.35 -23.25 2.20
N PRO A 148 -6.38 -23.57 3.08
CA PRO A 148 -6.28 -22.94 4.40
C PRO A 148 -5.51 -21.61 4.39
N TYR A 149 -5.19 -21.11 3.20
CA TYR A 149 -4.42 -19.87 3.06
C TYR A 149 -5.18 -18.75 2.36
N TYR A 150 -4.75 -17.51 2.62
CA TYR A 150 -5.35 -16.36 1.95
C TYR A 150 -4.80 -16.36 0.53
N VAL A 151 -5.64 -16.06 -0.45
CA VAL A 151 -5.20 -16.02 -1.84
C VAL A 151 -5.57 -14.67 -2.44
N THR A 152 -4.56 -13.95 -2.93
CA THR A 152 -4.79 -12.64 -3.53
C THR A 152 -4.77 -12.75 -5.05
N VAL A 153 -5.94 -12.56 -5.65
CA VAL A 153 -6.10 -12.65 -7.10
C VAL A 153 -5.95 -11.27 -7.72
N ILE A 154 -4.97 -11.13 -8.61
CA ILE A 154 -4.70 -9.85 -9.26
C ILE A 154 -4.97 -9.83 -10.77
N GLY A 155 -5.30 -10.99 -11.34
CA GLY A 155 -5.57 -11.04 -12.77
C GLY A 155 -6.50 -12.15 -13.18
N LEU A 156 -7.24 -11.92 -14.27
CA LEU A 156 -8.19 -12.91 -14.81
C LEU A 156 -8.56 -12.49 -16.22
N GLY A 157 -8.11 -13.28 -17.20
CA GLY A 157 -8.41 -12.96 -18.58
C GLY A 157 -8.51 -14.20 -19.44
N GLY A 158 -8.54 -13.99 -20.76
CA GLY A 158 -8.64 -15.11 -21.68
C GLY A 158 -7.30 -15.63 -22.13
N SER A 159 -6.23 -14.97 -21.69
CA SER A 159 -4.87 -15.38 -22.02
C SER A 159 -3.92 -14.97 -20.90
N GLU A 160 -2.73 -15.56 -20.91
CA GLU A 160 -1.71 -15.28 -19.92
C GLU A 160 -1.40 -13.79 -19.89
N LYS A 161 -1.17 -13.20 -21.06
CA LYS A 161 -0.86 -11.77 -21.15
C LYS A 161 -1.99 -10.93 -20.56
N GLN A 162 -3.22 -11.38 -20.78
CA GLN A 162 -4.40 -10.69 -20.28
C GLN A 162 -4.51 -10.79 -18.75
N ALA A 163 -4.10 -11.93 -18.21
CA ALA A 163 -4.14 -12.13 -16.77
C ALA A 163 -3.11 -11.23 -16.08
N GLU A 164 -1.95 -11.07 -16.71
CA GLU A 164 -0.87 -10.25 -16.15
C GLU A 164 -1.06 -8.74 -16.36
N GLU A 165 -1.59 -8.36 -17.50
CA GLU A 165 -1.77 -6.95 -17.83
C GLU A 165 -3.21 -6.44 -17.90
N GLY A 166 -4.17 -7.35 -18.02
CA GLY A 166 -5.56 -6.93 -18.10
C GLY A 166 -6.01 -6.17 -16.87
N GLU A 167 -6.98 -5.28 -17.03
CA GLU A 167 -7.49 -4.52 -15.90
C GLU A 167 -8.31 -5.45 -15.02
N PHE A 168 -7.99 -5.49 -13.73
CA PHE A 168 -8.70 -6.36 -12.81
C PHE A 168 -8.69 -5.75 -11.42
N GLU A 169 -9.86 -5.75 -10.77
CA GLU A 169 -9.97 -5.21 -9.42
C GLU A 169 -9.47 -6.28 -8.44
N THR A 170 -8.27 -6.09 -7.94
CA THR A 170 -7.66 -7.03 -7.00
C THR A 170 -8.59 -7.44 -5.87
N VAL A 171 -8.61 -8.74 -5.59
CA VAL A 171 -9.45 -9.26 -4.52
C VAL A 171 -8.69 -10.35 -3.75
N MET A 172 -8.92 -10.43 -2.45
CA MET A 172 -8.25 -11.44 -1.65
C MET A 172 -9.29 -12.36 -1.03
N LEU A 173 -9.12 -13.65 -1.22
CA LEU A 173 -10.05 -14.63 -0.66
C LEU A 173 -9.52 -15.19 0.64
N SER A 174 -10.34 -15.14 1.67
CA SER A 174 -9.95 -15.68 2.96
C SER A 174 -9.91 -17.18 2.81
N PRO A 175 -9.27 -17.87 3.76
CA PRO A 175 -9.20 -19.34 3.69
C PRO A 175 -10.61 -19.92 3.63
N ARG A 176 -10.77 -21.07 2.97
CA ARG A 176 -12.07 -21.74 2.90
C ARG A 176 -13.23 -20.80 2.66
N SER A 177 -13.18 -20.02 1.59
CA SER A 177 -14.27 -19.10 1.30
C SER A 177 -14.47 -19.00 -0.21
N GLU A 178 -15.36 -18.11 -0.62
CA GLU A 178 -15.62 -17.89 -2.03
C GLU A 178 -16.17 -16.50 -2.20
N GLN A 179 -15.88 -15.90 -3.35
CA GLN A 179 -16.32 -14.54 -3.62
C GLN A 179 -16.69 -14.43 -5.09
N THR A 180 -17.54 -13.48 -5.43
CA THR A 180 -17.95 -13.29 -6.81
C THR A 180 -17.28 -12.06 -7.39
N VAL A 181 -16.79 -12.19 -8.61
CA VAL A 181 -16.10 -11.12 -9.31
C VAL A 181 -16.76 -10.81 -10.65
N LYS A 182 -16.98 -9.53 -10.92
CA LYS A 182 -17.56 -9.15 -12.19
C LYS A 182 -16.47 -9.41 -13.23
N SER A 183 -16.83 -10.10 -14.30
CA SER A 183 -15.86 -10.42 -15.34
C SER A 183 -16.51 -10.89 -16.63
N ALA A 184 -15.81 -10.70 -17.73
CA ALA A 184 -16.30 -11.14 -19.01
C ALA A 184 -16.04 -12.64 -19.01
N ASN A 185 -16.75 -13.38 -19.86
CA ASN A 185 -16.56 -14.81 -19.93
C ASN A 185 -15.31 -15.11 -20.77
N TYR A 186 -14.54 -16.11 -20.35
CA TYR A 186 -13.34 -16.49 -21.07
C TYR A 186 -13.33 -17.99 -21.36
N ASN A 187 -13.09 -18.35 -22.61
CA ASN A 187 -13.05 -19.75 -23.03
C ASN A 187 -12.10 -20.56 -22.15
N THR A 188 -10.84 -20.15 -22.08
CA THR A 188 -9.84 -20.80 -21.24
C THR A 188 -9.29 -19.70 -20.33
N PRO A 189 -9.97 -19.44 -19.21
CA PRO A 189 -9.49 -18.40 -18.31
C PRO A 189 -8.13 -18.63 -17.70
N TYR A 190 -7.36 -17.55 -17.59
CA TYR A 190 -6.04 -17.59 -16.98
C TYR A 190 -6.14 -16.70 -15.74
N LEU A 191 -5.57 -17.14 -14.63
CA LEU A 191 -5.63 -16.38 -13.40
C LEU A 191 -4.25 -16.11 -12.83
N SER A 192 -4.05 -14.88 -12.36
CA SER A 192 -2.77 -14.49 -11.77
C SER A 192 -2.96 -14.16 -10.29
N TYR A 193 -1.98 -14.50 -9.47
CA TYR A 193 -2.03 -14.23 -8.03
C TYR A 193 -0.67 -13.78 -7.50
N ILE A 194 -0.64 -13.27 -6.28
CA ILE A 194 0.62 -12.84 -5.68
C ILE A 194 1.05 -13.87 -4.63
N ASN A 195 2.25 -14.42 -4.76
CA ASN A 195 2.71 -15.42 -3.80
C ASN A 195 3.45 -14.83 -2.60
N ASP A 196 3.90 -15.70 -1.69
CA ASP A 196 4.60 -15.27 -0.47
C ASP A 196 5.77 -14.35 -0.73
N TYR A 197 6.36 -14.46 -1.92
CA TYR A 197 7.56 -13.69 -2.25
C TYR A 197 7.34 -12.39 -3.00
N GLY A 198 6.08 -12.10 -3.30
CA GLY A 198 5.78 -10.89 -4.03
C GLY A 198 5.82 -11.11 -5.51
N GLY A 199 5.88 -12.39 -5.91
CA GLY A 199 5.89 -12.75 -7.31
C GLY A 199 4.48 -12.89 -7.84
N ARG A 200 4.30 -12.87 -9.17
CA ARG A 200 2.95 -12.96 -9.73
C ARG A 200 2.77 -14.07 -10.78
N PRO A 201 2.74 -15.32 -10.33
CA PRO A 201 2.57 -16.47 -11.23
C PRO A 201 1.21 -16.44 -11.91
N VAL A 202 1.11 -17.17 -13.02
CA VAL A 202 -0.13 -17.25 -13.78
C VAL A 202 -0.57 -18.71 -13.87
N LEU A 203 -1.86 -18.94 -13.66
CA LEU A 203 -2.44 -20.28 -13.71
C LEU A 203 -3.36 -20.46 -14.91
N SER A 204 -3.26 -21.61 -15.58
CA SER A 204 -4.10 -21.90 -16.74
C SER A 204 -5.31 -22.76 -16.34
N PHE A 205 -6.51 -22.25 -16.59
CA PHE A 205 -7.74 -22.97 -16.26
C PHE A 205 -8.47 -23.58 -17.45
N ILE A 206 -9.21 -24.65 -17.19
CA ILE A 206 -10.01 -25.34 -18.20
C ILE A 206 -11.43 -25.46 -17.67
N CYS A 207 -12.42 -25.14 -18.51
CA CYS A 207 -13.80 -25.21 -18.05
C CYS A 207 -14.59 -26.39 -18.60
N ASN A 208 -15.63 -26.75 -17.86
CA ASN A 208 -16.56 -27.81 -18.20
C ASN A 208 -17.89 -27.23 -17.77
N GLY A 209 -18.59 -26.63 -18.72
CA GLY A 209 -19.86 -26.01 -18.37
C GLY A 209 -19.53 -24.70 -17.67
N SER A 210 -20.04 -24.51 -16.46
CA SER A 210 -19.78 -23.28 -15.72
C SER A 210 -18.69 -23.43 -14.66
N ARG A 211 -18.14 -24.64 -14.55
CA ARG A 211 -17.10 -24.91 -13.57
C ARG A 211 -15.73 -25.03 -14.22
N CYS A 212 -14.80 -24.18 -13.79
CA CYS A 212 -13.44 -24.19 -14.33
C CYS A 212 -12.42 -24.53 -13.24
N SER A 213 -11.47 -25.39 -13.57
CA SER A 213 -10.44 -25.78 -12.62
C SER A 213 -9.09 -25.75 -13.33
N VAL A 214 -8.01 -25.69 -12.55
CA VAL A 214 -6.67 -25.62 -13.13
C VAL A 214 -6.26 -26.81 -13.98
N LYS A 215 -5.65 -26.49 -15.12
CA LYS A 215 -5.15 -27.49 -16.05
C LYS A 215 -4.38 -28.56 -15.29
N LYS A 216 -4.75 -29.81 -15.50
CA LYS A 216 -4.07 -30.92 -14.83
C LYS A 216 -2.71 -31.13 -15.52
N GLU A 217 -2.68 -31.11 -16.76
N ARG B 24 19.84 -16.27 -13.29
CA ARG B 24 21.31 -16.43 -13.10
C ARG B 24 21.62 -17.76 -12.40
N ALA B 25 21.81 -17.71 -11.09
CA ALA B 25 22.10 -18.90 -10.30
C ALA B 25 20.88 -19.81 -10.23
N ALA B 26 21.08 -21.09 -10.48
CA ALA B 26 19.99 -22.06 -10.42
C ALA B 26 19.61 -22.37 -8.97
N PHE B 27 20.59 -22.29 -8.08
CA PHE B 27 20.36 -22.58 -6.66
C PHE B 27 20.75 -21.39 -5.79
N HIS B 28 19.80 -20.87 -5.03
CA HIS B 28 20.09 -19.74 -4.15
C HIS B 28 18.99 -19.53 -3.12
N GLY B 29 19.22 -18.56 -2.24
CA GLY B 29 18.26 -18.27 -1.20
C GLY B 29 17.06 -17.45 -1.66
N GLU B 30 16.08 -17.39 -0.77
CA GLU B 30 14.84 -16.66 -0.98
C GLU B 30 15.11 -15.22 -1.43
N VAL B 31 14.38 -14.78 -2.46
CA VAL B 31 14.50 -13.42 -3.00
C VAL B 31 13.08 -12.87 -3.11
N VAL B 32 12.77 -11.79 -2.38
CA VAL B 32 11.43 -11.24 -2.43
C VAL B 32 11.37 -9.79 -2.89
N ARG B 33 10.21 -9.38 -3.38
CA ARG B 33 10.06 -8.00 -3.83
C ARG B 33 10.01 -7.11 -2.61
N PRO B 34 10.92 -6.14 -2.51
CA PRO B 34 10.84 -5.29 -1.32
C PRO B 34 9.75 -4.23 -1.50
N ALA B 35 9.37 -3.56 -0.41
CA ALA B 35 8.36 -2.52 -0.49
C ALA B 35 9.04 -1.29 -1.09
N CYS B 36 8.26 -0.36 -1.65
CA CYS B 36 8.85 0.82 -2.25
C CYS B 36 9.35 1.81 -1.22
N THR B 37 10.42 2.52 -1.56
CA THR B 37 10.94 3.55 -0.67
C THR B 37 10.58 4.86 -1.36
N LEU B 38 10.01 5.79 -0.61
CA LEU B 38 9.61 7.07 -1.19
C LEU B 38 10.73 8.10 -1.20
N ALA B 39 10.88 8.78 -2.34
CA ALA B 39 11.91 9.80 -2.50
C ALA B 39 11.33 11.07 -3.13
N MET B 40 11.88 12.23 -2.74
CA MET B 40 11.44 13.51 -3.28
C MET B 40 12.68 14.37 -3.53
N GLU B 41 12.51 15.46 -4.26
CA GLU B 41 13.61 16.35 -4.56
C GLU B 41 14.23 16.89 -3.27
N ASP B 42 13.37 17.32 -2.34
CA ASP B 42 13.82 17.87 -1.08
C ASP B 42 14.11 16.78 -0.04
N ALA B 43 15.26 16.88 0.62
CA ALA B 43 15.66 15.91 1.62
C ALA B 43 14.73 15.87 2.84
N TRP B 44 13.93 16.91 3.01
CA TRP B 44 12.98 16.99 4.12
C TRP B 44 11.61 16.48 3.68
N GLN B 45 11.51 16.04 2.43
CA GLN B 45 10.25 15.56 1.87
C GLN B 45 9.19 16.64 2.07
N ILE B 46 9.59 17.87 1.77
CA ILE B 46 8.74 19.04 1.91
C ILE B 46 8.42 19.75 0.58
N ILE B 47 7.23 20.32 0.51
CA ILE B 47 6.78 21.07 -0.65
C ILE B 47 6.56 22.52 -0.21
N ASP B 48 7.29 23.45 -0.80
CA ASP B 48 7.15 24.86 -0.46
C ASP B 48 5.87 25.37 -1.12
N MET B 49 4.97 25.92 -0.30
CA MET B 49 3.69 26.43 -0.78
C MET B 49 3.68 27.92 -1.12
N GLY B 50 4.71 28.64 -0.68
CA GLY B 50 4.78 30.06 -0.96
C GLY B 50 3.92 30.85 0.02
N GLU B 51 4.13 32.17 0.06
CA GLU B 51 3.38 33.04 0.96
C GLU B 51 1.89 32.83 0.74
N THR B 52 1.09 33.12 1.78
CA THR B 52 -0.35 32.96 1.67
C THR B 52 -0.88 33.83 0.54
N PRO B 53 -1.48 33.21 -0.50
CA PRO B 53 -2.02 33.90 -1.66
C PRO B 53 -3.32 34.68 -1.39
N VAL B 54 -3.27 35.61 -0.46
CA VAL B 54 -4.45 36.42 -0.10
C VAL B 54 -5.10 37.06 -1.32
N ARG B 55 -4.28 37.64 -2.19
CA ARG B 55 -4.80 38.29 -3.39
C ARG B 55 -5.65 37.31 -4.20
N ASP B 56 -5.08 36.17 -4.55
CA ASP B 56 -5.82 35.17 -5.31
C ASP B 56 -7.05 34.70 -4.57
N LEU B 57 -6.91 34.44 -3.27
CA LEU B 57 -8.04 33.97 -2.45
C LEU B 57 -9.21 34.95 -2.45
N GLN B 58 -8.95 36.18 -2.01
CA GLN B 58 -10.00 37.19 -1.95
C GLN B 58 -10.70 37.41 -3.29
N ASN B 59 -9.95 37.26 -4.38
CA ASN B 59 -10.54 37.42 -5.72
C ASN B 59 -11.50 36.27 -6.02
N GLY B 60 -11.60 35.32 -5.11
CA GLY B 60 -12.49 34.18 -5.31
C GLY B 60 -11.83 32.97 -5.95
N PHE B 61 -10.52 33.06 -6.18
CA PHE B 61 -9.78 31.96 -6.79
C PHE B 61 -9.08 31.14 -5.71
N SER B 62 -8.07 30.38 -6.12
CA SER B 62 -7.28 29.54 -5.23
C SER B 62 -5.83 29.97 -5.45
N GLY B 63 -4.96 29.66 -4.50
CA GLY B 63 -3.57 30.05 -4.63
C GLY B 63 -2.93 29.32 -5.80
N PRO B 64 -1.71 29.71 -6.19
CA PRO B 64 -1.00 29.07 -7.31
C PRO B 64 -0.73 27.59 -7.05
N GLU B 65 -0.62 26.81 -8.12
CA GLU B 65 -0.39 25.39 -8.00
C GLU B 65 1.07 25.05 -7.75
N ARG B 66 1.31 24.03 -6.93
CA ARG B 66 2.67 23.60 -6.64
C ARG B 66 2.74 22.10 -6.92
N LYS B 67 3.61 21.73 -7.84
CA LYS B 67 3.78 20.34 -8.21
C LYS B 67 4.74 19.65 -7.26
N PHE B 68 4.54 18.36 -7.05
CA PHE B 68 5.44 17.59 -6.21
C PHE B 68 5.36 16.14 -6.64
N SER B 69 6.52 15.61 -6.98
CA SER B 69 6.63 14.24 -7.45
C SER B 69 7.10 13.31 -6.35
N LEU B 70 6.50 12.13 -6.30
CA LEU B 70 6.85 11.12 -5.31
C LEU B 70 7.37 9.91 -6.08
N ARG B 71 8.68 9.66 -6.00
CA ARG B 71 9.27 8.54 -6.69
C ARG B 71 9.30 7.30 -5.78
N LEU B 72 8.74 6.19 -6.26
CA LEU B 72 8.72 4.96 -5.50
C LEU B 72 9.77 4.01 -6.07
N ARG B 73 10.83 3.79 -5.31
CA ARG B 73 11.95 2.97 -5.77
C ARG B 73 12.19 1.65 -5.04
N ASN B 74 13.09 0.86 -5.61
CA ASN B 74 13.50 -0.41 -5.05
C ASN B 74 12.44 -1.50 -5.04
N CYS B 75 11.27 -1.23 -5.62
CA CYS B 75 10.22 -2.23 -5.60
C CYS B 75 9.80 -2.68 -7.00
N GLU B 76 10.64 -2.41 -8.00
CA GLU B 76 10.33 -2.77 -9.37
C GLU B 76 8.92 -2.30 -9.70
N PHE B 77 8.69 -1.02 -9.42
CA PHE B 77 7.42 -0.33 -9.63
C PHE B 77 6.83 -0.57 -11.02
N ASN B 78 7.69 -0.52 -12.04
CA ASN B 78 7.25 -0.71 -13.41
C ASN B 78 7.42 -2.15 -13.88
N SER B 79 6.43 -2.66 -14.60
CA SER B 79 6.47 -4.00 -15.14
C SER B 79 6.31 -3.94 -16.66
N GLN B 80 6.36 -5.09 -17.31
CA GLN B 80 6.24 -5.15 -18.77
C GLN B 80 5.16 -4.21 -19.31
N GLY B 81 3.92 -4.44 -18.92
CA GLY B 81 2.84 -3.60 -19.40
C GLY B 81 2.06 -2.81 -18.37
N GLY B 82 2.73 -2.39 -17.30
CA GLY B 82 2.05 -1.61 -16.27
C GLY B 82 2.93 -1.25 -15.10
N ASN B 83 2.30 -0.90 -13.98
CA ASN B 83 3.01 -0.54 -12.77
C ASN B 83 2.13 -0.84 -11.57
N LEU B 84 2.77 -1.05 -10.42
CA LEU B 84 2.07 -1.36 -9.18
C LEU B 84 0.85 -0.48 -8.91
N PHE B 85 0.98 0.81 -9.15
CA PHE B 85 -0.12 1.74 -8.90
C PHE B 85 -1.30 1.58 -9.87
N SER B 86 -1.03 1.68 -11.16
CA SER B 86 -2.07 1.57 -12.18
C SER B 86 -2.80 0.22 -12.15
N ASP B 87 -2.07 -0.85 -11.85
CA ASP B 87 -2.68 -2.19 -11.80
C ASP B 87 -3.36 -2.50 -10.48
N SER B 88 -3.39 -1.54 -9.56
CA SER B 88 -4.01 -1.76 -8.26
C SER B 88 -3.28 -2.81 -7.40
N ARG B 89 -1.96 -2.90 -7.55
CA ARG B 89 -1.18 -3.83 -6.75
C ARG B 89 -0.84 -3.12 -5.42
N ILE B 90 -0.84 -1.79 -5.47
CA ILE B 90 -0.64 -0.97 -4.28
C ILE B 90 -1.75 0.05 -4.35
N ARG B 91 -2.20 0.53 -3.20
CA ARG B 91 -3.24 1.54 -3.16
C ARG B 91 -2.69 2.68 -2.32
N VAL B 92 -2.82 3.90 -2.82
CA VAL B 92 -2.31 5.06 -2.09
C VAL B 92 -3.43 5.90 -1.51
N THR B 93 -3.14 6.50 -0.36
CA THR B 93 -4.11 7.33 0.33
C THR B 93 -3.38 8.47 1.02
N PHE B 94 -3.96 9.67 0.98
CA PHE B 94 -3.37 10.80 1.68
C PHE B 94 -4.11 10.90 3.00
N ASP B 95 -3.38 10.78 4.09
CA ASP B 95 -3.98 10.87 5.42
C ASP B 95 -3.73 12.23 6.04
N GLY B 96 -4.77 12.77 6.68
CA GLY B 96 -4.68 14.07 7.31
C GLY B 96 -6.01 14.44 7.90
N VAL B 97 -6.17 15.70 8.29
CA VAL B 97 -7.43 16.16 8.88
C VAL B 97 -8.32 16.80 7.81
N ARG B 98 -9.58 16.37 7.76
CA ARG B 98 -10.53 16.90 6.79
C ARG B 98 -10.74 18.40 7.06
N GLY B 99 -10.82 19.19 5.99
CA GLY B 99 -11.02 20.62 6.14
C GLY B 99 -12.48 21.02 6.18
N GLU B 100 -12.85 21.99 5.35
CA GLU B 100 -14.23 22.47 5.30
C GLU B 100 -15.15 21.47 4.59
N THR B 101 -14.67 20.98 3.46
CA THR B 101 -15.42 20.00 2.67
C THR B 101 -14.58 18.73 2.55
N PRO B 102 -15.21 17.61 2.18
CA PRO B 102 -14.45 16.37 2.05
C PRO B 102 -13.28 16.46 1.07
N ASP B 103 -13.31 17.47 0.19
CA ASP B 103 -12.26 17.66 -0.80
C ASP B 103 -11.12 18.56 -0.31
N LYS B 104 -11.09 18.84 0.98
CA LYS B 104 -10.04 19.71 1.53
C LYS B 104 -9.38 19.15 2.78
N PHE B 105 -8.12 19.55 2.98
CA PHE B 105 -7.35 19.14 4.14
C PHE B 105 -7.12 20.35 5.06
N ASN B 106 -7.21 20.11 6.36
CA ASN B 106 -7.00 21.18 7.33
C ASN B 106 -5.52 21.54 7.40
N LEU B 107 -5.24 22.79 7.75
CA LEU B 107 -3.87 23.26 7.86
C LEU B 107 -3.56 23.71 9.29
N SER B 108 -2.31 23.57 9.68
CA SER B 108 -1.86 23.98 11.02
C SER B 108 -1.14 25.31 10.90
N GLY B 109 -0.87 25.95 12.03
CA GLY B 109 -0.17 27.22 12.00
C GLY B 109 -0.99 28.43 12.41
N GLN B 110 -0.37 29.60 12.33
CA GLN B 110 -1.00 30.85 12.70
C GLN B 110 -2.12 31.24 11.75
N ALA B 111 -1.83 31.17 10.44
CA ALA B 111 -2.80 31.52 9.42
C ALA B 111 -4.19 30.98 9.69
N LYS B 112 -5.20 31.69 9.21
CA LYS B 112 -6.59 31.28 9.38
C LYS B 112 -7.33 31.49 8.06
N GLY B 113 -8.44 30.79 7.89
CA GLY B 113 -9.22 30.92 6.67
C GLY B 113 -8.74 30.13 5.46
N ILE B 114 -7.79 29.23 5.64
CA ILE B 114 -7.28 28.45 4.51
C ILE B 114 -7.20 26.94 4.70
N ASN B 115 -7.47 26.23 3.60
CA ASN B 115 -7.43 24.78 3.56
C ASN B 115 -6.47 24.37 2.46
N LEU B 116 -6.18 23.07 2.37
CA LEU B 116 -5.27 22.54 1.35
C LEU B 116 -6.06 21.63 0.44
N GLN B 117 -5.63 21.52 -0.82
CA GLN B 117 -6.30 20.66 -1.78
C GLN B 117 -5.23 19.92 -2.57
N ILE B 118 -5.47 18.64 -2.82
CA ILE B 118 -4.52 17.82 -3.57
C ILE B 118 -5.22 17.11 -4.72
N ALA B 119 -4.58 17.11 -5.89
CA ALA B 119 -5.17 16.47 -7.06
C ALA B 119 -4.15 15.66 -7.85
N ASP B 120 -4.59 14.53 -8.41
CA ASP B 120 -3.69 13.71 -9.21
C ASP B 120 -3.59 14.29 -10.62
N VAL B 121 -2.86 13.62 -11.50
CA VAL B 121 -2.67 14.11 -12.86
C VAL B 121 -3.90 14.18 -13.77
N ARG B 122 -5.06 13.77 -13.26
CA ARG B 122 -6.28 13.85 -14.08
C ARG B 122 -7.36 14.68 -13.40
N GLY B 123 -7.00 15.36 -12.31
CA GLY B 123 -7.97 16.20 -11.65
C GLY B 123 -8.71 15.59 -10.49
N ASN B 124 -8.48 14.30 -10.23
CA ASN B 124 -9.14 13.66 -9.10
C ASN B 124 -8.62 14.32 -7.82
N ILE B 125 -9.53 14.87 -7.03
CA ILE B 125 -9.17 15.55 -5.79
C ILE B 125 -9.13 14.57 -4.63
N ALA B 126 -7.98 14.55 -3.95
CA ALA B 126 -7.79 13.64 -2.82
C ALA B 126 -8.63 14.01 -1.61
N ARG B 127 -9.23 13.00 -0.99
CA ARG B 127 -10.05 13.17 0.21
C ARG B 127 -9.32 12.44 1.34
N ALA B 128 -9.19 13.11 2.49
CA ALA B 128 -8.50 12.55 3.64
C ALA B 128 -8.93 11.13 3.99
N GLY B 129 -7.95 10.21 3.99
CA GLY B 129 -8.24 8.83 4.34
C GLY B 129 -8.98 8.04 3.28
N LYS B 130 -9.19 8.64 2.12
CA LYS B 130 -9.89 7.95 1.03
C LYS B 130 -8.90 7.58 -0.05
N VAL B 131 -8.90 6.30 -0.45
CA VAL B 131 -7.99 5.81 -1.46
C VAL B 131 -8.10 6.55 -2.79
N MET B 132 -6.96 6.77 -3.43
CA MET B 132 -6.90 7.46 -4.72
C MET B 132 -7.26 6.45 -5.81
N PRO B 133 -8.01 6.89 -6.83
CA PRO B 133 -8.38 5.96 -7.91
C PRO B 133 -7.18 5.55 -8.75
N ALA B 134 -7.14 4.27 -9.12
CA ALA B 134 -6.06 3.78 -9.95
C ALA B 134 -6.25 4.36 -11.35
N ILE B 135 -5.18 4.86 -11.96
CA ILE B 135 -5.23 5.42 -13.30
C ILE B 135 -3.91 5.16 -14.00
N PRO B 136 -3.92 5.13 -15.34
CA PRO B 136 -2.67 4.89 -16.07
C PRO B 136 -1.74 6.09 -15.94
N LEU B 137 -0.43 5.83 -15.91
CA LEU B 137 0.56 6.89 -15.77
C LEU B 137 1.06 7.37 -17.12
N THR B 138 1.64 8.57 -17.12
CA THR B 138 2.17 9.15 -18.35
C THR B 138 3.66 9.46 -18.23
N GLY B 139 4.39 9.22 -19.32
CA GLY B 139 5.81 9.47 -19.34
C GLY B 139 6.62 8.24 -18.96
N ASN B 140 5.93 7.17 -18.60
CA ASN B 140 6.58 5.93 -18.20
C ASN B 140 7.59 6.18 -17.10
N GLU B 141 7.43 7.31 -16.39
CA GLU B 141 8.33 7.63 -15.30
C GLU B 141 7.90 6.79 -14.11
N GLU B 142 8.86 6.44 -13.26
CA GLU B 142 8.57 5.62 -12.09
C GLU B 142 8.16 6.51 -10.93
N ALA B 143 7.28 7.47 -11.21
CA ALA B 143 6.85 8.39 -10.17
C ALA B 143 5.37 8.75 -10.19
N LEU B 144 4.87 9.15 -9.02
CA LEU B 144 3.49 9.58 -8.86
C LEU B 144 3.51 11.10 -8.67
N ASP B 145 2.84 11.81 -9.56
CA ASP B 145 2.81 13.27 -9.52
C ASP B 145 1.50 13.87 -9.03
N TYR B 146 1.60 14.77 -8.04
CA TYR B 146 0.41 15.42 -7.50
C TYR B 146 0.52 16.92 -7.52
N THR B 147 -0.60 17.59 -7.36
CA THR B 147 -0.62 19.04 -7.36
C THR B 147 -1.47 19.57 -6.22
N LEU B 148 -0.91 20.49 -5.46
CA LEU B 148 -1.65 21.04 -4.36
C LEU B 148 -1.80 22.55 -4.52
N ARG B 149 -2.76 23.10 -3.81
CA ARG B 149 -3.02 24.53 -3.86
C ARG B 149 -3.82 24.90 -2.62
N ILE B 150 -3.66 26.14 -2.18
CA ILE B 150 -4.37 26.63 -1.01
C ILE B 150 -5.75 27.12 -1.45
N VAL B 151 -6.76 26.85 -0.64
CA VAL B 151 -8.13 27.28 -0.94
C VAL B 151 -8.77 27.85 0.32
N ARG B 152 -9.95 28.44 0.16
CA ARG B 152 -10.67 29.02 1.29
C ARG B 152 -11.36 27.90 2.07
N ASN B 153 -11.66 28.17 3.33
CA ASN B 153 -12.32 27.19 4.20
C ASN B 153 -13.59 27.78 4.81
N GLY B 154 -14.01 28.93 4.29
CA GLY B 154 -15.21 29.58 4.78
C GLY B 154 -15.02 30.42 6.03
N LYS B 155 -13.77 30.74 6.35
CA LYS B 155 -13.48 31.55 7.53
C LYS B 155 -12.75 32.83 7.13
N LYS B 156 -12.71 33.80 8.04
CA LYS B 156 -12.05 35.06 7.77
C LYS B 156 -10.55 34.86 7.53
N LEU B 157 -10.07 35.41 6.42
CA LEU B 157 -8.66 35.30 6.07
C LEU B 157 -7.76 36.04 7.06
N GLU B 158 -6.74 35.35 7.54
CA GLU B 158 -5.79 35.94 8.48
C GLU B 158 -4.39 35.47 8.13
N ALA B 159 -3.68 36.30 7.35
CA ALA B 159 -2.33 35.97 6.93
C ALA B 159 -1.48 35.48 8.10
N GLY B 160 -0.44 34.71 7.77
CA GLY B 160 0.44 34.17 8.79
C GLY B 160 0.95 32.83 8.31
N ASN B 161 2.08 32.38 8.86
CA ASN B 161 2.65 31.11 8.44
C ASN B 161 1.76 29.93 8.79
N TYR B 162 1.72 28.94 7.90
CA TYR B 162 0.94 27.74 8.11
C TYR B 162 1.82 26.53 7.86
N PHE B 163 1.37 25.38 8.35
CA PHE B 163 2.11 24.14 8.22
C PHE B 163 1.15 22.95 8.07
N ALA B 164 1.67 21.85 7.53
CA ALA B 164 0.86 20.65 7.38
C ALA B 164 1.72 19.43 7.10
N VAL B 165 1.49 18.38 7.89
CA VAL B 165 2.20 17.12 7.71
C VAL B 165 1.15 16.14 7.19
N LEU B 166 1.37 15.61 6.00
CA LEU B 166 0.40 14.67 5.45
C LEU B 166 1.00 13.29 5.34
N GLY B 167 0.17 12.28 5.60
CA GLY B 167 0.64 10.92 5.49
C GLY B 167 0.32 10.38 4.11
N PHE B 168 1.31 9.79 3.45
CA PHE B 168 1.09 9.18 2.15
C PHE B 168 1.14 7.69 2.46
N ARG B 169 0.00 7.04 2.49
CA ARG B 169 -0.06 5.62 2.81
C ARG B 169 -0.16 4.69 1.61
N VAL B 170 0.78 3.75 1.53
CA VAL B 170 0.80 2.76 0.47
C VAL B 170 0.40 1.39 1.03
N ASP B 171 -0.78 0.89 0.65
CA ASP B 171 -1.24 -0.42 1.10
C ASP B 171 -0.88 -1.43 0.02
N TYR B 172 -0.16 -2.48 0.41
CA TYR B 172 0.24 -3.49 -0.55
C TYR B 172 -0.73 -4.65 -0.64
N GLU B 173 -1.09 -5.01 -1.86
CA GLU B 173 -1.97 -6.16 -2.08
C GLU B 173 -1.08 -7.38 -1.95
S SO4 C . -7.52 -11.35 13.72
O1 SO4 C . -8.44 -12.50 13.55
O2 SO4 C . -6.44 -11.45 12.74
O3 SO4 C . -8.28 -10.10 13.53
O4 SO4 C . -6.96 -11.39 15.08
S SO4 D . -2.47 8.63 14.75
O1 SO4 D . -2.78 8.62 13.31
O2 SO4 D . -1.09 8.21 14.99
O3 SO4 D . -2.64 10.00 15.28
O4 SO4 D . -3.39 7.72 15.46
S SO4 E . -13.17 -14.93 6.92
O1 SO4 E . -13.64 -14.18 5.74
O2 SO4 E . -11.81 -14.50 7.29
O3 SO4 E . -14.08 -14.66 8.04
O4 SO4 E . -13.18 -16.37 6.63
S SO4 F . -7.75 -31.19 -17.68
O1 SO4 F . -8.95 -32.04 -17.72
O2 SO4 F . -7.61 -30.58 -16.33
O3 SO4 F . -6.55 -32.00 -17.98
O4 SO4 F . -7.87 -30.11 -18.69
S SO4 G . -13.25 -21.88 8.75
O1 SO4 G . -14.02 -22.89 7.97
O2 SO4 G . -12.08 -22.52 9.36
O3 SO4 G . -12.82 -20.78 7.86
O4 SO4 G . -14.12 -21.32 9.81
S SO4 H . -8.34 -25.08 15.31
O1 SO4 H . -9.75 -25.37 15.64
O2 SO4 H . -7.70 -26.28 14.73
O3 SO4 H . -8.30 -23.99 14.32
O4 SO4 H . -7.63 -24.68 16.53
CO CO I . 16.04 -17.71 -8.99
S SO4 J . -10.65 28.34 -8.39
O1 SO4 J . -11.53 29.18 -9.23
O2 SO4 J . -10.27 27.12 -9.14
O3 SO4 J . -9.41 29.09 -8.08
O4 SO4 J . -11.35 27.97 -7.15
S SO4 K . -12.01 37.71 3.90
O1 SO4 K . -13.41 38.13 3.74
O2 SO4 K . -11.28 37.95 2.63
O3 SO4 K . -11.36 38.48 4.97
O4 SO4 K . -11.97 36.28 4.23
S SO4 L . 24.89 -22.90 -9.67
O1 SO4 L . 25.11 -24.00 -10.64
O2 SO4 L . 25.84 -23.09 -8.59
O3 SO4 L . 25.13 -21.59 -10.27
O4 SO4 L . 23.50 -22.93 -9.16
S SO4 M . 14.30 1.57 -8.93
O1 SO4 M . 13.17 0.65 -9.13
O2 SO4 M . 15.12 1.60 -10.16
O3 SO4 M . 13.80 2.94 -8.67
O4 SO4 M . 15.14 1.12 -7.80
S SO4 N . -0.84 10.35 -10.02
O1 SO4 N . -1.51 11.61 -10.37
O2 SO4 N . -0.20 9.77 -11.22
O3 SO4 N . 0.21 10.65 -9.04
O4 SO4 N . -1.82 9.41 -9.41
#